data_2W39
#
_entry.id   2W39
#
_cell.length_a   38.147
_cell.length_b   46.713
_cell.length_c   152.550
_cell.angle_alpha   90.00
_cell.angle_beta   90.00
_cell.angle_gamma   90.00
#
_symmetry.space_group_name_H-M   'P 21 21 21'
#
loop_
_entity.id
_entity.type
_entity.pdbx_description
1 polymer 'PUTATIVE LAMINARINASE'
2 branched beta-D-glucopyranose-(1-3)-beta-D-glucopyranose
3 non-polymer 2-acetamido-2-deoxy-beta-D-glucopyranose
4 non-polymer D-glucono-1,5-lactone
5 water water
#
_entity_poly.entity_id   1
_entity_poly.type   'polypeptide(L)'
_entity_poly.pdbx_seq_one_letter_code
;ATYHLEDNWVGSAFLSTFTHEAIADPTHGRVNYVDQATALAKNLTYASGDTLILRADHTTTLSPSGPGRNSVRIRSIKTY
TTHVAVFDVRHMPQGCGTWPAAWETDEGDWPNGGEVDIIEGVNDQSPNAMTLHTGANCAMPASRTMTGHATNNNCDVNTD
GNTGCGVQAPTANSYGPSFNANGGGWYAMERTNSFIKVWFFPRNAGNVPNDIASGPATINTDNWGTPTAFFPNTNCDIGS
HFDANNIIINLTFCGDWAGQASIFNGAGCPGSCVDYVNNNPSAFANAYWDIASVRVYQ
;
_entity_poly.pdbx_strand_id   A
#
loop_
_chem_comp.id
_chem_comp.type
_chem_comp.name
_chem_comp.formula
BGC D-saccharide, beta linking beta-D-glucopyranose 'C6 H12 O6'
LGC D-saccharide D-glucono-1,5-lactone 'C6 H10 O6'
NAG D-saccharide, beta linking 2-acetamido-2-deoxy-beta-D-glucopyranose 'C8 H15 N O6'
#
# COMPACT_ATOMS: atom_id res chain seq x y z
N ALA A 1 8.75 21.45 2.24
CA ALA A 1 10.13 21.55 2.80
C ALA A 1 11.17 20.87 1.90
N THR A 2 12.43 21.18 2.14
CA THR A 2 13.55 20.56 1.42
C THR A 2 14.03 19.34 2.18
N TYR A 3 14.24 18.26 1.45
CA TYR A 3 14.71 17.00 2.03
C TYR A 3 15.82 16.46 1.13
N HIS A 4 16.59 15.52 1.67
CA HIS A 4 17.72 14.93 0.96
C HIS A 4 17.65 13.43 1.03
N LEU A 5 18.20 12.78 0.03
CA LEU A 5 18.11 11.34 -0.09
C LEU A 5 18.65 10.64 1.14
N GLU A 6 17.88 9.67 1.62
CA GLU A 6 18.23 8.83 2.78
C GLU A 6 18.43 7.37 2.34
N ASP A 7 17.57 6.89 1.45
CA ASP A 7 17.63 5.53 0.92
C ASP A 7 17.19 5.52 -0.52
N ASN A 8 17.91 4.78 -1.33
CA ASN A 8 17.60 4.64 -2.73
C ASN A 8 17.52 3.16 -3.04
N TRP A 9 16.30 2.63 -3.18
CA TRP A 9 16.12 1.21 -3.37
C TRP A 9 15.65 0.90 -4.78
N VAL A 10 16.50 0.16 -5.50
CA VAL A 10 16.19 -0.29 -6.85
C VAL A 10 16.62 -1.76 -6.97
N GLY A 11 15.78 -2.59 -7.57
CA GLY A 11 16.18 -3.95 -7.91
C GLY A 11 16.70 -4.76 -6.74
N SER A 12 17.92 -5.29 -6.88
CA SER A 12 18.45 -6.18 -5.84
C SER A 12 18.67 -5.49 -4.48
N ALA A 13 18.68 -4.16 -4.45
CA ALA A 13 18.86 -3.45 -3.17
C ALA A 13 17.83 -3.90 -2.15
N PHE A 14 16.60 -4.17 -2.61
CA PHE A 14 15.52 -4.54 -1.70
C PHE A 14 15.83 -5.82 -0.92
N LEU A 15 16.68 -6.69 -1.48
CA LEU A 15 17.01 -7.95 -0.82
C LEU A 15 17.90 -7.75 0.39
N SER A 16 18.58 -6.61 0.51
N SER A 16 18.54 -6.58 0.45
CA SER A 16 19.37 -6.36 1.72
CA SER A 16 19.48 -6.20 1.50
C SER A 16 18.73 -5.34 2.65
C SER A 16 18.91 -5.18 2.50
N THR A 17 17.82 -4.51 2.13
CA THR A 17 17.31 -3.39 2.92
C THR A 17 15.88 -3.62 3.45
N PHE A 18 15.27 -4.71 2.99
CA PHE A 18 13.95 -5.16 3.49
C PHE A 18 14.10 -6.59 3.94
N THR A 19 13.17 -7.05 4.77
CA THR A 19 12.99 -8.47 5.01
C THR A 19 11.62 -8.89 4.50
N HIS A 20 11.45 -10.18 4.28
CA HIS A 20 10.13 -10.75 4.05
C HIS A 20 9.55 -11.23 5.36
N GLU A 21 8.32 -10.82 5.65
CA GLU A 21 7.66 -11.21 6.89
C GLU A 21 6.90 -12.51 6.66
N ALA A 22 7.39 -13.60 7.24
CA ALA A 22 6.73 -14.89 7.12
C ALA A 22 5.85 -15.03 8.35
N ILE A 23 4.68 -14.40 8.27
CA ILE A 23 3.78 -14.26 9.41
C ILE A 23 2.40 -14.70 9.01
N ALA A 24 1.63 -15.19 9.99
CA ALA A 24 0.20 -15.33 9.81
C ALA A 24 -0.37 -13.97 9.45
N ASP A 25 -1.24 -13.90 8.46
CA ASP A 25 -1.71 -12.60 8.00
C ASP A 25 -2.53 -11.92 9.10
N PRO A 26 -2.11 -10.72 9.55
CA PRO A 26 -2.93 -10.00 10.53
C PRO A 26 -4.35 -9.71 10.03
N THR A 27 -4.54 -9.63 8.71
CA THR A 27 -5.85 -9.36 8.14
C THR A 27 -6.59 -10.63 7.71
N HIS A 28 -6.09 -11.79 8.13
CA HIS A 28 -6.85 -13.06 8.04
C HIS A 28 -7.15 -13.49 6.60
N GLY A 29 -6.26 -13.15 5.66
CA GLY A 29 -6.46 -13.49 4.27
C GLY A 29 -6.14 -14.94 3.92
N ARG A 30 -6.53 -15.33 2.72
CA ARG A 30 -6.25 -16.67 2.20
C ARG A 30 -4.86 -16.64 1.56
N VAL A 31 -3.85 -16.46 2.41
CA VAL A 31 -2.50 -16.16 1.97
C VAL A 31 -1.52 -16.96 2.80
N ASN A 32 -0.41 -17.34 2.18
CA ASN A 32 0.72 -17.92 2.87
C ASN A 32 1.92 -17.01 2.60
N TYR A 33 2.25 -16.16 3.57
CA TYR A 33 3.36 -15.24 3.42
C TYR A 33 4.67 -15.99 3.65
N VAL A 34 5.50 -16.04 2.61
CA VAL A 34 6.75 -16.79 2.66
C VAL A 34 7.93 -15.90 2.99
N ASP A 35 8.98 -16.52 3.53
CA ASP A 35 10.20 -15.79 3.82
C ASP A 35 11.00 -15.47 2.56
N GLN A 36 12.09 -14.74 2.72
CA GLN A 36 12.83 -14.28 1.57
C GLN A 36 13.43 -15.42 0.76
N ALA A 37 14.05 -16.39 1.42
CA ALA A 37 14.67 -17.50 0.71
C ALA A 37 13.61 -18.24 -0.10
N THR A 38 12.45 -18.46 0.52
CA THR A 38 11.38 -19.19 -0.15
C THR A 38 10.83 -18.39 -1.32
N ALA A 39 10.63 -17.10 -1.12
CA ALA A 39 10.15 -16.22 -2.19
C ALA A 39 11.08 -16.24 -3.40
N LEU A 40 12.38 -16.15 -3.14
CA LEU A 40 13.34 -16.16 -4.23
C LEU A 40 13.35 -17.50 -4.96
N ALA A 41 13.32 -18.60 -4.20
CA ALA A 41 13.37 -19.94 -4.79
C ALA A 41 12.13 -20.19 -5.65
N LYS A 42 10.99 -19.63 -5.25
CA LYS A 42 9.73 -19.84 -5.94
C LYS A 42 9.42 -18.75 -6.96
N ASN A 43 10.36 -17.81 -7.12
CA ASN A 43 10.23 -16.66 -8.04
C ASN A 43 9.00 -15.81 -7.74
N LEU A 44 8.66 -15.72 -6.46
CA LEU A 44 7.62 -14.80 -6.02
C LEU A 44 8.18 -13.41 -5.78
N THR A 45 9.48 -13.34 -5.52
CA THR A 45 10.20 -12.08 -5.48
C THR A 45 11.29 -12.19 -6.52
N TYR A 46 11.42 -11.17 -7.35
CA TYR A 46 12.43 -11.12 -8.40
C TYR A 46 13.00 -9.71 -8.31
N ALA A 47 14.30 -9.58 -8.09
CA ALA A 47 14.89 -8.26 -7.74
C ALA A 47 16.24 -8.10 -8.43
N SER A 48 16.22 -7.51 -9.62
N SER A 48 16.21 -7.50 -9.61
N SER A 48 16.21 -7.49 -9.62
CA SER A 48 17.43 -7.33 -10.41
CA SER A 48 17.39 -7.38 -10.47
CA SER A 48 17.38 -7.40 -10.50
C SER A 48 17.26 -6.15 -11.36
C SER A 48 17.25 -6.16 -11.38
C SER A 48 17.24 -6.30 -11.56
N GLY A 49 18.37 -5.69 -11.93
CA GLY A 49 18.35 -4.53 -12.85
C GLY A 49 17.60 -3.39 -12.19
N ASP A 50 16.66 -2.78 -12.92
CA ASP A 50 15.83 -1.70 -12.36
C ASP A 50 14.40 -2.15 -12.07
N THR A 51 14.25 -3.41 -11.67
CA THR A 51 12.95 -4.01 -11.43
C THR A 51 12.91 -4.81 -10.15
N LEU A 52 11.84 -4.58 -9.38
CA LEU A 52 11.44 -5.46 -8.29
C LEU A 52 10.06 -5.98 -8.62
N ILE A 53 9.93 -7.30 -8.70
CA ILE A 53 8.62 -7.93 -8.83
C ILE A 53 8.29 -8.66 -7.53
N LEU A 54 7.06 -8.42 -7.04
CA LEU A 54 6.52 -9.12 -5.87
C LEU A 54 5.21 -9.70 -6.34
N ARG A 55 5.06 -11.02 -6.31
N ARG A 55 5.04 -11.01 -6.30
CA ARG A 55 3.90 -11.65 -6.95
CA ARG A 55 3.85 -11.60 -6.90
C ARG A 55 3.30 -12.77 -6.13
C ARG A 55 3.30 -12.78 -6.14
N ALA A 56 2.04 -13.08 -6.47
CA ALA A 56 1.36 -14.28 -6.00
C ALA A 56 1.77 -15.51 -6.79
N ASP A 57 1.70 -16.66 -6.14
CA ASP A 57 1.72 -17.94 -6.85
C ASP A 57 0.57 -17.95 -7.86
N HIS A 58 0.89 -18.25 -9.11
CA HIS A 58 -0.14 -18.32 -10.15
C HIS A 58 -0.15 -19.67 -10.86
N THR A 59 0.34 -20.70 -10.17
CA THR A 59 0.44 -22.03 -10.77
C THR A 59 -0.19 -23.14 -9.93
N THR A 60 -0.25 -22.98 -8.62
CA THR A 60 -0.71 -24.05 -7.71
C THR A 60 -2.20 -23.94 -7.50
N THR A 61 -2.89 -25.08 -7.63
CA THR A 61 -4.26 -25.19 -7.18
C THR A 61 -4.20 -25.64 -5.72
N LEU A 62 -4.80 -24.84 -4.83
CA LEU A 62 -4.59 -25.08 -3.41
C LEU A 62 -5.48 -26.16 -2.82
N SER A 63 -4.90 -26.96 -1.93
CA SER A 63 -5.69 -27.83 -1.08
C SER A 63 -6.53 -26.94 -0.18
N PRO A 64 -7.86 -27.14 -0.15
CA PRO A 64 -8.68 -26.30 0.74
C PRO A 64 -8.28 -26.43 2.20
N SER A 65 -7.75 -27.59 2.57
N SER A 65 -7.73 -27.59 2.56
CA SER A 65 -7.32 -27.86 3.93
CA SER A 65 -7.29 -27.91 3.92
C SER A 65 -5.95 -27.27 4.25
C SER A 65 -5.81 -27.61 4.17
N GLY A 66 -5.17 -26.97 3.20
CA GLY A 66 -3.80 -26.48 3.36
C GLY A 66 -3.71 -24.97 3.46
N PRO A 67 -2.48 -24.43 3.46
CA PRO A 67 -2.27 -22.99 3.55
C PRO A 67 -2.81 -22.21 2.36
N GLY A 68 -2.87 -20.91 2.54
CA GLY A 68 -3.34 -20.00 1.50
C GLY A 68 -2.37 -19.84 0.34
N ARG A 69 -2.72 -18.94 -0.57
CA ARG A 69 -1.93 -18.76 -1.78
C ARG A 69 -0.61 -18.08 -1.41
N ASN A 70 0.50 -18.62 -1.90
CA ASN A 70 1.79 -18.03 -1.56
C ASN A 70 1.90 -16.60 -2.08
N SER A 71 2.42 -15.72 -1.22
CA SER A 71 2.60 -14.31 -1.56
C SER A 71 3.67 -13.75 -0.64
N VAL A 72 3.89 -12.44 -0.72
CA VAL A 72 4.94 -11.81 0.04
C VAL A 72 4.47 -10.52 0.71
N ARG A 73 5.11 -10.21 1.83
CA ARG A 73 4.93 -8.98 2.59
C ARG A 73 6.34 -8.55 3.00
N ILE A 74 6.83 -7.50 2.36
CA ILE A 74 8.18 -7.05 2.64
C ILE A 74 8.15 -5.81 3.50
N ARG A 75 9.14 -5.67 4.38
CA ARG A 75 9.17 -4.62 5.36
C ARG A 75 10.57 -4.01 5.41
N SER A 76 10.66 -2.69 5.34
CA SER A 76 11.98 -2.05 5.43
C SER A 76 12.61 -2.37 6.77
N ILE A 77 13.93 -2.55 6.76
CA ILE A 77 14.65 -2.75 8.02
C ILE A 77 14.65 -1.42 8.80
N LYS A 78 14.91 -0.32 8.11
CA LYS A 78 14.90 0.98 8.75
C LYS A 78 13.49 1.45 9.07
N THR A 79 13.42 2.35 10.06
CA THR A 79 12.19 3.02 10.40
C THR A 79 12.34 4.53 10.18
N TYR A 80 11.21 5.23 10.12
CA TYR A 80 11.16 6.62 9.68
C TYR A 80 10.14 7.39 10.49
N THR A 81 10.44 8.68 10.72
CA THR A 81 9.50 9.60 11.37
C THR A 81 9.15 10.70 10.36
N THR A 82 9.79 11.86 10.45
CA THR A 82 9.62 12.90 9.45
C THR A 82 10.43 12.54 8.21
N HIS A 83 9.73 12.36 7.07
CA HIS A 83 10.39 11.87 5.88
C HIS A 83 9.46 12.01 4.69
N VAL A 84 10.03 11.80 3.50
CA VAL A 84 9.24 11.64 2.29
C VAL A 84 9.59 10.29 1.67
N ALA A 85 8.57 9.52 1.27
CA ALA A 85 8.78 8.25 0.57
C ALA A 85 8.15 8.34 -0.80
N VAL A 86 8.90 7.97 -1.84
CA VAL A 86 8.43 8.05 -3.22
C VAL A 86 8.50 6.67 -3.85
N PHE A 87 7.38 6.22 -4.40
CA PHE A 87 7.22 4.90 -4.99
C PHE A 87 6.96 5.07 -6.48
N ASP A 88 7.87 4.55 -7.30
CA ASP A 88 7.74 4.58 -8.77
C ASP A 88 7.25 3.19 -9.15
N VAL A 89 5.96 3.07 -9.46
CA VAL A 89 5.29 1.78 -9.56
C VAL A 89 4.77 1.56 -10.98
N ARG A 90 5.30 0.55 -11.65
CA ARG A 90 4.89 0.22 -13.02
C ARG A 90 3.57 -0.56 -13.04
N HIS A 91 3.34 -1.40 -12.02
CA HIS A 91 2.22 -2.33 -12.01
C HIS A 91 1.90 -2.65 -10.55
N MET A 92 0.62 -2.76 -10.22
CA MET A 92 0.20 -3.26 -8.91
C MET A 92 -0.65 -4.49 -9.09
N PRO A 93 -0.77 -5.32 -8.05
CA PRO A 93 -1.58 -6.53 -8.25
C PRO A 93 -3.00 -6.24 -8.66
N GLN A 94 -3.51 -7.10 -9.53
CA GLN A 94 -4.93 -7.08 -9.89
C GLN A 94 -5.48 -8.50 -9.91
N GLY A 95 -6.80 -8.58 -9.82
CA GLY A 95 -7.54 -9.83 -9.85
C GLY A 95 -8.57 -9.87 -8.73
N CYS A 96 -9.65 -10.61 -8.96
CA CYS A 96 -10.61 -10.88 -7.92
C CYS A 96 -9.92 -11.49 -6.70
N GLY A 97 -10.24 -10.94 -5.53
CA GLY A 97 -9.69 -11.42 -4.27
C GLY A 97 -8.45 -10.69 -3.83
N THR A 98 -7.83 -9.92 -4.71
CA THR A 98 -6.57 -9.27 -4.35
C THR A 98 -6.75 -8.09 -3.41
N TRP A 99 -5.78 -7.95 -2.51
CA TRP A 99 -5.75 -6.87 -1.54
C TRP A 99 -4.28 -6.44 -1.38
N PRO A 100 -3.80 -5.64 -2.33
CA PRO A 100 -2.43 -5.14 -2.25
C PRO A 100 -2.35 -3.87 -1.40
N ALA A 101 -1.18 -3.60 -0.84
CA ALA A 101 -0.96 -2.36 -0.11
C ALA A 101 0.50 -1.95 -0.12
N ALA A 102 0.71 -0.63 -0.13
CA ALA A 102 2.01 -0.02 0.18
C ALA A 102 1.69 0.99 1.30
N TRP A 103 2.39 0.86 2.42
CA TRP A 103 1.95 1.53 3.63
C TRP A 103 3.10 1.64 4.61
N GLU A 104 2.83 2.33 5.72
CA GLU A 104 3.79 2.42 6.82
C GLU A 104 3.07 2.19 8.12
N THR A 105 3.75 1.52 9.04
CA THR A 105 3.22 1.36 10.39
C THR A 105 4.32 0.97 11.35
N ASP A 106 3.96 0.92 12.64
CA ASP A 106 4.75 0.28 13.67
C ASP A 106 3.92 -0.92 14.15
N GLU A 107 4.28 -2.10 13.66
CA GLU A 107 3.52 -3.30 13.99
C GLU A 107 3.57 -3.59 15.48
N GLY A 108 4.68 -3.23 16.10
CA GLY A 108 4.94 -3.58 17.49
C GLY A 108 4.05 -2.93 18.53
N ASP A 109 3.40 -1.81 18.17
CA ASP A 109 2.50 -1.13 19.09
C ASP A 109 1.19 -0.68 18.44
N TRP A 110 0.80 -1.35 17.36
CA TRP A 110 -0.36 -0.96 16.57
C TRP A 110 -1.61 -0.93 17.46
N PRO A 111 -2.48 0.10 17.32
CA PRO A 111 -2.44 1.22 16.38
C PRO A 111 -1.75 2.47 16.95
N ASN A 112 -1.12 2.35 18.12
CA ASN A 112 -0.63 3.52 18.84
C ASN A 112 0.58 4.19 18.21
N GLY A 113 1.29 3.49 17.34
CA GLY A 113 2.37 4.11 16.57
C GLY A 113 1.93 4.59 15.20
N GLY A 114 0.63 4.49 14.92
CA GLY A 114 0.06 4.97 13.69
C GLY A 114 0.19 3.98 12.54
N GLU A 115 -0.56 4.29 11.49
CA GLU A 115 -0.51 3.57 10.21
C GLU A 115 -0.91 4.57 9.15
N VAL A 116 -0.17 4.64 8.06
N VAL A 116 -0.17 4.57 8.04
CA VAL A 116 -0.60 5.39 6.89
CA VAL A 116 -0.47 5.39 6.88
C VAL A 116 -0.58 4.47 5.68
C VAL A 116 -0.57 4.42 5.68
N ASP A 117 -1.75 4.31 5.07
CA ASP A 117 -1.90 3.51 3.86
C ASP A 117 -1.79 4.43 2.68
N ILE A 118 -0.80 4.16 1.83
CA ILE A 118 -0.47 5.03 0.70
C ILE A 118 -1.13 4.52 -0.59
N ILE A 119 -0.97 3.22 -0.86
CA ILE A 119 -1.66 2.53 -1.93
C ILE A 119 -2.44 1.41 -1.28
N GLU A 120 -3.75 1.34 -1.54
CA GLU A 120 -4.54 0.24 -0.98
C GLU A 120 -5.90 0.15 -1.65
N GLY A 121 -6.33 -1.08 -1.90
CA GLY A 121 -7.71 -1.34 -2.32
C GLY A 121 -7.94 -2.83 -2.37
N VAL A 122 -9.12 -3.20 -2.88
CA VAL A 122 -9.51 -4.60 -2.94
C VAL A 122 -10.26 -4.90 -4.22
N ASN A 123 -10.09 -6.13 -4.70
CA ASN A 123 -10.95 -6.65 -5.76
C ASN A 123 -11.06 -5.76 -6.97
N ASP A 124 -9.94 -5.11 -7.32
CA ASP A 124 -9.86 -4.26 -8.52
C ASP A 124 -10.74 -3.01 -8.44
N GLN A 125 -11.20 -2.64 -7.26
CA GLN A 125 -12.13 -1.52 -7.14
C GLN A 125 -11.43 -0.18 -6.98
N SER A 126 -11.23 0.49 -8.11
N SER A 126 -11.25 0.50 -8.09
CA SER A 126 -10.74 1.87 -8.12
CA SER A 126 -10.70 1.83 -8.09
C SER A 126 -11.78 2.77 -7.45
C SER A 126 -11.76 2.81 -7.55
N PRO A 127 -11.36 3.95 -6.96
CA PRO A 127 -10.02 4.51 -6.88
C PRO A 127 -9.22 4.04 -5.67
N ASN A 128 -7.96 4.46 -5.65
CA ASN A 128 -7.08 4.24 -4.51
C ASN A 128 -7.64 4.92 -3.26
N ALA A 129 -7.37 4.30 -2.13
CA ALA A 129 -7.70 4.88 -0.82
C ALA A 129 -6.39 5.14 -0.07
N MET A 130 -6.31 6.31 0.57
CA MET A 130 -5.20 6.73 1.40
C MET A 130 -5.79 7.02 2.78
N THR A 131 -5.25 6.38 3.82
CA THR A 131 -5.96 6.29 5.09
C THR A 131 -4.98 6.33 6.24
N LEU A 132 -5.37 7.02 7.32
CA LEU A 132 -4.63 6.87 8.58
C LEU A 132 -5.43 6.03 9.56
N HIS A 133 -4.72 5.23 10.33
CA HIS A 133 -5.30 4.49 11.46
C HIS A 133 -4.47 4.85 12.68
N THR A 134 -5.14 5.30 13.75
CA THR A 134 -4.46 5.77 14.95
C THR A 134 -5.21 5.28 16.18
N GLY A 135 -4.65 5.60 17.34
CA GLY A 135 -5.39 5.57 18.59
C GLY A 135 -6.26 6.81 18.80
N ALA A 136 -6.69 6.99 20.04
CA ALA A 136 -7.70 7.97 20.39
C ALA A 136 -7.33 9.40 20.09
N ASN A 137 -8.36 10.20 19.80
N ASN A 137 -8.35 10.22 19.77
CA ASN A 137 -8.24 11.64 19.65
CA ASN A 137 -8.22 11.68 19.65
C ASN A 137 -7.41 12.03 18.43
C ASN A 137 -7.46 12.13 18.41
N CYS A 138 -7.90 11.62 17.26
CA CYS A 138 -7.30 12.01 16.01
C CYS A 138 -8.41 12.00 14.96
N ALA A 139 -8.79 13.19 14.52
CA ALA A 139 -9.82 13.38 13.50
C ALA A 139 -9.33 14.38 12.46
N MET A 140 -10.11 14.51 11.38
CA MET A 140 -9.76 15.36 10.25
C MET A 140 -10.90 16.35 10.00
N PRO A 141 -10.56 17.57 9.58
CA PRO A 141 -11.59 18.55 9.29
C PRO A 141 -12.38 18.19 8.06
N ALA A 142 -13.63 18.63 8.00
CA ALA A 142 -14.51 18.30 6.89
C ALA A 142 -13.97 18.83 5.55
N SER A 143 -13.33 19.99 5.59
CA SER A 143 -12.78 20.62 4.40
C SER A 143 -11.31 20.93 4.62
N ARG A 144 -10.46 20.44 3.70
CA ARG A 144 -9.07 20.83 3.67
C ARG A 144 -8.54 20.65 2.26
N THR A 145 -7.46 21.33 1.96
CA THR A 145 -6.97 21.42 0.60
C THR A 145 -6.31 20.12 0.12
N MET A 146 -6.99 19.47 -0.83
CA MET A 146 -6.52 18.24 -1.44
C MET A 146 -7.37 17.98 -2.65
N THR A 147 -6.90 17.12 -3.57
CA THR A 147 -7.70 16.80 -4.75
C THR A 147 -8.65 15.63 -4.55
N GLY A 148 -8.40 14.80 -3.54
CA GLY A 148 -9.25 13.65 -3.26
C GLY A 148 -10.46 13.97 -2.39
N HIS A 149 -11.22 12.93 -2.10
CA HIS A 149 -12.51 13.05 -1.42
C HIS A 149 -12.47 12.26 -0.11
N ALA A 150 -12.68 12.93 1.02
CA ALA A 150 -12.68 12.26 2.32
C ALA A 150 -13.89 11.34 2.46
N THR A 151 -13.67 10.17 3.07
CA THR A 151 -14.76 9.20 3.29
C THR A 151 -15.17 8.94 4.74
N ASN A 152 -14.20 9.05 5.64
N ASN A 152 -14.20 9.08 5.65
CA ASN A 152 -14.41 8.96 7.08
CA ASN A 152 -14.42 8.99 7.09
C ASN A 152 -13.38 9.90 7.69
C ASN A 152 -13.38 9.92 7.68
N ASN A 153 -13.78 10.74 8.64
CA ASN A 153 -12.88 11.73 9.22
C ASN A 153 -12.44 11.45 10.66
N ASN A 154 -12.77 10.28 11.19
CA ASN A 154 -12.25 9.88 12.49
C ASN A 154 -11.19 8.81 12.28
N CYS A 155 -9.95 9.09 12.67
CA CYS A 155 -8.84 8.17 12.42
C CYS A 155 -8.67 7.09 13.49
N ASP A 156 -9.31 7.30 14.65
CA ASP A 156 -9.16 6.43 15.81
C ASP A 156 -9.85 5.10 15.54
N VAL A 157 -9.06 4.03 15.47
CA VAL A 157 -9.61 2.73 15.12
C VAL A 157 -10.58 2.18 16.18
N ASN A 158 -10.44 2.67 17.41
CA ASN A 158 -11.24 2.24 18.55
C ASN A 158 -12.67 2.77 18.52
N THR A 159 -12.90 3.84 17.75
CA THR A 159 -14.21 4.51 17.71
C THR A 159 -14.77 4.74 16.30
N ASP A 160 -14.07 4.24 15.28
N ASP A 160 -14.00 4.45 15.27
CA ASP A 160 -14.57 4.23 13.88
CA ASP A 160 -14.42 4.86 13.93
C ASP A 160 -14.87 2.84 13.30
C ASP A 160 -14.96 3.70 13.10
N GLY A 161 -14.24 1.79 13.84
N GLY A 161 -15.18 2.56 13.77
CA GLY A 161 -14.45 0.42 13.38
CA GLY A 161 -15.60 1.34 13.10
C GLY A 161 -13.25 -0.08 12.59
C GLY A 161 -14.46 0.55 12.49
N ASN A 162 -12.05 0.38 12.86
N ASN A 162 -13.23 0.91 12.85
CA ASN A 162 -10.87 0.20 12.02
CA ASN A 162 -12.03 0.20 12.36
C ASN A 162 -11.19 0.58 10.63
C ASN A 162 -11.78 0.38 10.85
N THR A 163 -12.01 1.61 10.41
CA THR A 163 -11.97 2.07 9.02
C THR A 163 -10.76 2.99 8.83
N GLY A 164 -10.33 3.66 9.92
CA GLY A 164 -9.39 4.77 9.78
C GLY A 164 -10.06 5.99 9.16
N CYS A 165 -9.29 7.07 9.00
CA CYS A 165 -9.78 8.25 8.29
C CYS A 165 -9.21 8.23 6.88
N GLY A 166 -10.09 8.10 5.90
CA GLY A 166 -9.71 7.81 4.52
C GLY A 166 -9.99 8.93 3.55
N VAL A 167 -9.27 8.89 2.44
CA VAL A 167 -9.46 9.79 1.31
C VAL A 167 -9.39 8.93 0.05
N GLN A 168 -10.36 9.12 -0.84
N GLN A 168 -10.36 9.11 -0.84
CA GLN A 168 -10.38 8.45 -2.14
CA GLN A 168 -10.32 8.47 -2.14
C GLN A 168 -9.71 9.33 -3.19
C GLN A 168 -9.63 9.37 -3.15
N ALA A 169 -8.78 8.76 -3.97
CA ALA A 169 -8.18 9.51 -5.09
C ALA A 169 -9.23 9.89 -6.13
N PRO A 170 -9.02 11.01 -6.85
CA PRO A 170 -10.06 11.49 -7.76
C PRO A 170 -10.13 10.79 -9.10
N THR A 171 -9.11 10.03 -9.48
CA THR A 171 -9.10 9.38 -10.80
C THR A 171 -9.08 7.86 -10.72
N ALA A 172 -9.68 7.23 -11.73
CA ALA A 172 -9.69 5.78 -11.82
C ALA A 172 -8.28 5.19 -11.94
N ASN A 173 -7.41 5.89 -12.65
CA ASN A 173 -6.08 5.36 -12.94
C ASN A 173 -5.13 5.44 -11.74
N SER A 174 -5.67 5.84 -10.58
CA SER A 174 -4.95 5.71 -9.32
C SER A 174 -4.84 4.28 -8.83
N TYR A 175 -5.62 3.34 -9.39
CA TYR A 175 -5.68 2.02 -8.80
C TYR A 175 -6.07 0.96 -9.82
N GLY A 176 -5.62 -0.27 -9.59
CA GLY A 176 -6.24 -1.43 -10.19
C GLY A 176 -5.92 -1.60 -11.66
N PRO A 177 -6.79 -2.35 -12.37
CA PRO A 177 -6.63 -2.50 -13.81
C PRO A 177 -6.46 -1.17 -14.54
N SER A 178 -7.14 -0.11 -14.12
CA SER A 178 -6.99 1.19 -14.77
C SER A 178 -5.55 1.70 -14.64
N PHE A 179 -5.01 1.67 -13.42
CA PHE A 179 -3.61 2.04 -13.16
C PHE A 179 -2.67 1.20 -14.00
N ASN A 180 -2.90 -0.11 -14.04
CA ASN A 180 -1.99 -0.99 -14.76
C ASN A 180 -2.00 -0.73 -16.26
N ALA A 181 -3.19 -0.50 -16.81
CA ALA A 181 -3.30 -0.22 -18.25
C ALA A 181 -2.56 1.07 -18.64
N ASN A 182 -2.47 1.99 -17.70
CA ASN A 182 -1.82 3.27 -17.88
C ASN A 182 -0.32 3.24 -17.58
N GLY A 183 0.23 2.08 -17.23
CA GLY A 183 1.65 2.00 -16.88
C GLY A 183 1.98 2.47 -15.47
N GLY A 184 0.97 2.54 -14.61
CA GLY A 184 1.18 2.84 -13.20
C GLY A 184 1.40 4.32 -12.98
N GLY A 185 2.40 4.67 -12.17
CA GLY A 185 2.64 6.06 -11.82
C GLY A 185 3.44 6.15 -10.54
N TRP A 186 3.40 7.34 -9.95
CA TRP A 186 4.19 7.64 -8.76
C TRP A 186 3.28 7.97 -7.61
N TYR A 187 3.58 7.39 -6.45
CA TYR A 187 2.97 7.78 -5.18
C TYR A 187 4.05 8.36 -4.31
N ALA A 188 3.78 9.53 -3.72
CA ALA A 188 4.72 10.15 -2.78
C ALA A 188 3.97 10.49 -1.51
N MET A 189 4.64 10.29 -0.37
CA MET A 189 4.03 10.59 0.93
C MET A 189 5.02 11.41 1.72
N GLU A 190 4.59 12.59 2.17
CA GLU A 190 5.36 13.42 3.08
C GLU A 190 4.72 13.38 4.46
N ARG A 191 5.52 13.04 5.46
CA ARG A 191 5.08 13.05 6.85
C ARG A 191 5.96 14.02 7.63
N THR A 192 5.31 14.96 8.31
CA THR A 192 5.96 15.86 9.24
C THR A 192 5.20 15.80 10.57
N ASN A 193 5.64 16.59 11.54
CA ASN A 193 4.90 16.69 12.80
C ASN A 193 3.52 17.26 12.59
N SER A 194 3.37 18.07 11.54
CA SER A 194 2.18 18.85 11.31
C SER A 194 1.16 18.25 10.37
N PHE A 195 1.54 17.29 9.55
CA PHE A 195 0.62 16.72 8.56
C PHE A 195 1.20 15.47 7.95
N ILE A 196 0.30 14.72 7.31
CA ILE A 196 0.69 13.72 6.31
C ILE A 196 0.00 14.10 5.00
N LYS A 197 0.77 14.02 3.91
CA LYS A 197 0.26 14.26 2.57
C LYS A 197 0.61 13.08 1.67
N VAL A 198 -0.30 12.74 0.76
CA VAL A 198 0.00 11.78 -0.29
C VAL A 198 -0.32 12.44 -1.63
N TRP A 199 0.58 12.27 -2.59
CA TRP A 199 0.33 12.69 -3.97
C TRP A 199 0.35 11.44 -4.85
N PHE A 200 -0.60 11.37 -5.79
CA PHE A 200 -0.54 10.43 -6.88
C PHE A 200 -0.37 11.17 -8.21
N PHE A 201 0.58 10.73 -9.03
CA PHE A 201 0.74 11.20 -10.41
C PHE A 201 0.74 10.02 -11.35
N PRO A 202 -0.22 9.98 -12.29
N PRO A 202 -0.20 9.98 -12.32
CA PRO A 202 -0.24 8.98 -13.37
CA PRO A 202 -0.17 8.84 -13.23
C PRO A 202 1.07 8.93 -14.16
C PRO A 202 1.04 8.91 -14.15
N ARG A 203 1.38 7.75 -14.69
CA ARG A 203 2.59 7.59 -15.50
C ARG A 203 2.70 8.61 -16.63
N ASN A 204 1.56 8.92 -17.24
CA ASN A 204 1.53 9.81 -18.39
C ASN A 204 1.23 11.26 -18.02
N ALA A 205 1.29 11.59 -16.74
CA ALA A 205 1.01 12.95 -16.30
C ALA A 205 1.93 13.96 -16.95
N GLY A 206 1.36 15.04 -17.47
CA GLY A 206 2.18 16.13 -18.02
C GLY A 206 2.79 17.00 -16.94
N ASN A 207 2.22 16.91 -15.73
CA ASN A 207 2.51 17.80 -14.61
C ASN A 207 3.17 17.13 -13.41
N VAL A 208 3.76 15.96 -13.58
CA VAL A 208 4.46 15.29 -12.49
C VAL A 208 5.73 16.08 -12.11
N PRO A 209 5.87 16.47 -10.82
CA PRO A 209 7.10 17.13 -10.40
C PRO A 209 8.34 16.32 -10.76
N ASN A 210 9.36 16.98 -11.29
CA ASN A 210 10.61 16.29 -11.59
C ASN A 210 11.20 15.59 -10.36
N ASP A 211 11.07 16.24 -9.20
CA ASP A 211 11.55 15.64 -7.95
C ASP A 211 11.02 14.22 -7.74
N ILE A 212 9.74 14.04 -8.05
CA ILE A 212 9.09 12.74 -7.91
C ILE A 212 9.49 11.82 -9.06
N ALA A 213 9.40 12.30 -10.29
CA ALA A 213 9.56 11.44 -11.45
C ALA A 213 11.00 10.94 -11.65
N SER A 214 11.99 11.79 -11.36
CA SER A 214 13.39 11.44 -11.65
C SER A 214 14.23 11.08 -10.44
N GLY A 215 13.72 11.36 -9.25
CA GLY A 215 14.43 10.96 -8.04
C GLY A 215 15.81 11.55 -7.81
N PRO A 216 15.96 12.89 -7.96
CA PRO A 216 17.23 13.51 -7.62
C PRO A 216 17.45 13.38 -6.12
N ALA A 217 18.68 13.62 -5.68
CA ALA A 217 18.98 13.45 -4.27
C ALA A 217 18.45 14.58 -3.38
N THR A 218 18.12 15.74 -3.96
CA THR A 218 17.52 16.86 -3.23
C THR A 218 16.11 17.12 -3.77
N ILE A 219 15.13 17.27 -2.89
CA ILE A 219 13.76 17.54 -3.28
C ILE A 219 13.20 18.68 -2.45
N ASN A 220 12.15 19.32 -2.97
CA ASN A 220 11.46 20.36 -2.22
C ASN A 220 9.96 20.22 -2.48
N THR A 221 9.24 19.78 -1.46
CA THR A 221 7.82 19.46 -1.63
C THR A 221 6.96 20.70 -1.80
N ASP A 222 7.50 21.88 -1.50
CA ASP A 222 6.81 23.16 -1.73
C ASP A 222 6.39 23.31 -3.19
N ASN A 223 7.09 22.59 -4.07
CA ASN A 223 6.94 22.67 -5.51
C ASN A 223 6.02 21.62 -6.12
N TRP A 224 5.35 20.85 -5.27
CA TRP A 224 4.66 19.65 -5.75
C TRP A 224 3.16 19.83 -6.04
N GLY A 225 2.65 21.03 -5.81
CA GLY A 225 1.21 21.26 -6.00
C GLY A 225 0.39 20.65 -4.87
N THR A 226 -0.92 20.71 -5.04
CA THR A 226 -1.85 20.25 -4.04
C THR A 226 -1.81 18.73 -3.91
N PRO A 227 -1.76 18.21 -2.66
CA PRO A 227 -1.76 16.77 -2.48
C PRO A 227 -3.08 16.10 -2.86
N THR A 228 -3.01 14.83 -3.17
CA THR A 228 -4.19 14.01 -3.40
C THR A 228 -4.96 13.78 -2.09
N ALA A 229 -4.21 13.43 -1.04
CA ALA A 229 -4.79 13.30 0.30
C ALA A 229 -3.99 14.17 1.25
N PHE A 230 -4.70 14.87 2.13
CA PHE A 230 -4.11 15.76 3.14
C PHE A 230 -4.72 15.41 4.48
N PHE A 231 -3.83 15.19 5.43
CA PHE A 231 -4.20 14.88 6.82
C PHE A 231 -3.52 15.94 7.68
N PRO A 232 -4.16 17.10 7.86
CA PRO A 232 -3.57 18.18 8.65
C PRO A 232 -3.69 17.86 10.15
N ASN A 233 -3.08 18.71 10.97
CA ASN A 233 -3.14 18.53 12.41
C ASN A 233 -4.23 19.30 13.13
N THR A 234 -5.16 19.86 12.35
CA THR A 234 -6.25 20.67 12.92
C THR A 234 -6.92 20.02 14.13
N ASN A 235 -7.22 18.72 13.97
CA ASN A 235 -7.92 17.94 14.98
C ASN A 235 -7.17 16.64 15.32
N CYS A 236 -5.86 16.66 15.10
CA CYS A 236 -5.04 15.48 15.37
C CYS A 236 -3.59 15.89 15.54
N ASP A 237 -3.01 15.60 16.69
CA ASP A 237 -1.58 15.81 16.88
C ASP A 237 -0.86 14.69 16.14
N ILE A 238 -0.42 14.98 14.93
CA ILE A 238 0.10 13.94 14.05
C ILE A 238 1.31 13.29 14.72
N GLY A 239 2.23 14.12 15.19
CA GLY A 239 3.47 13.63 15.80
C GLY A 239 3.25 12.74 17.01
N SER A 240 2.19 12.97 17.79
CA SER A 240 1.90 12.16 18.97
C SER A 240 1.15 10.87 18.65
N HIS A 241 0.68 10.73 17.41
CA HIS A 241 -0.05 9.52 16.99
C HIS A 241 0.76 8.61 16.11
N PHE A 242 1.95 9.06 15.72
CA PHE A 242 2.83 8.28 14.87
C PHE A 242 4.19 8.18 15.50
N ASP A 243 4.82 7.03 15.50
N ASP A 243 4.68 6.92 15.46
CA ASP A 243 6.19 7.01 15.93
CA ASP A 243 5.98 6.37 15.88
C ASP A 243 7.01 6.47 14.75
C ASP A 243 7.02 6.47 14.76
N ALA A 244 8.17 5.86 14.99
CA ALA A 244 9.03 5.42 13.91
C ALA A 244 8.38 4.23 13.21
N ASN A 245 8.11 4.37 11.90
CA ASN A 245 7.38 3.36 11.14
C ASN A 245 8.27 2.71 10.08
N ASN A 246 8.03 1.44 9.83
CA ASN A 246 8.59 0.74 8.68
C ASN A 246 7.70 0.96 7.46
N ILE A 247 8.32 0.83 6.29
CA ILE A 247 7.58 0.75 5.03
C ILE A 247 7.28 -0.72 4.71
N ILE A 248 6.03 -1.00 4.39
CA ILE A 248 5.56 -2.35 4.06
C ILE A 248 4.92 -2.35 2.68
N ILE A 249 5.25 -3.36 1.88
CA ILE A 249 4.61 -3.59 0.59
C ILE A 249 4.18 -5.04 0.55
N ASN A 250 2.90 -5.30 0.29
CA ASN A 250 2.38 -6.67 0.42
C ASN A 250 1.26 -6.95 -0.55
N LEU A 251 0.92 -8.23 -0.62
CA LEU A 251 -0.28 -8.66 -1.32
C LEU A 251 -0.92 -9.78 -0.52
N THR A 252 -2.12 -9.52 0.01
CA THR A 252 -2.92 -10.58 0.60
C THR A 252 -4.14 -10.86 -0.30
N PHE A 253 -4.93 -11.86 0.08
N PHE A 253 -4.93 -11.84 0.13
CA PHE A 253 -6.14 -12.23 -0.68
CA PHE A 253 -6.12 -12.28 -0.60
C PHE A 253 -7.28 -12.45 0.30
C PHE A 253 -7.27 -12.37 0.38
N CYS A 254 -8.49 -12.01 -0.08
CA CYS A 254 -9.68 -12.20 0.76
C CYS A 254 -9.48 -11.49 2.11
N GLY A 255 -9.77 -12.16 3.22
CA GLY A 255 -9.55 -11.56 4.53
C GLY A 255 -10.56 -10.50 4.90
N ASP A 256 -10.19 -9.69 5.88
N ASP A 256 -10.17 -9.71 5.91
CA ASP A 256 -11.19 -8.92 6.60
CA ASP A 256 -11.07 -8.78 6.63
C ASP A 256 -11.84 -7.77 5.80
C ASP A 256 -11.90 -7.94 5.67
N TRP A 257 -11.22 -7.38 4.69
CA TRP A 257 -11.84 -6.42 3.76
C TRP A 257 -12.23 -7.15 2.48
N ALA A 258 -11.25 -7.62 1.71
CA ALA A 258 -11.51 -8.15 0.36
C ALA A 258 -12.41 -9.38 0.34
N GLY A 259 -12.37 -10.16 1.42
CA GLY A 259 -13.09 -11.43 1.46
C GLY A 259 -14.53 -11.38 1.88
N GLN A 260 -14.99 -10.23 2.37
CA GLN A 260 -16.41 -10.10 2.74
C GLN A 260 -17.27 -10.35 1.52
N ALA A 261 -18.29 -11.19 1.66
CA ALA A 261 -19.11 -11.56 0.50
C ALA A 261 -19.73 -10.35 -0.20
N SER A 262 -20.26 -9.40 0.57
CA SER A 262 -20.89 -8.24 -0.04
C SER A 262 -19.90 -7.44 -0.89
N ILE A 263 -18.66 -7.39 -0.43
CA ILE A 263 -17.60 -6.63 -1.09
C ILE A 263 -17.07 -7.41 -2.31
N PHE A 264 -16.76 -8.69 -2.12
CA PHE A 264 -16.23 -9.55 -3.17
C PHE A 264 -17.26 -9.74 -4.29
N ASN A 265 -18.47 -10.18 -3.93
CA ASN A 265 -19.52 -10.34 -4.94
C ASN A 265 -19.99 -9.00 -5.50
N GLY A 266 -19.95 -7.96 -4.66
CA GLY A 266 -20.31 -6.59 -5.09
C GLY A 266 -19.41 -6.06 -6.18
N ALA A 267 -18.18 -6.58 -6.23
CA ALA A 267 -17.22 -6.23 -7.27
C ALA A 267 -17.42 -7.02 -8.55
N GLY A 268 -18.39 -7.94 -8.55
CA GLY A 268 -18.62 -8.82 -9.69
C GLY A 268 -17.84 -10.12 -9.67
N CYS A 269 -17.16 -10.40 -8.55
CA CYS A 269 -16.38 -11.61 -8.43
C CYS A 269 -17.28 -12.80 -8.06
N PRO A 270 -17.06 -13.97 -8.69
CA PRO A 270 -17.96 -15.13 -8.52
C PRO A 270 -17.68 -15.99 -7.30
N GLY A 271 -18.75 -16.46 -6.66
CA GLY A 271 -18.66 -17.42 -5.58
C GLY A 271 -18.04 -16.85 -4.32
N SER A 272 -17.32 -17.69 -3.59
CA SER A 272 -16.64 -17.21 -2.39
C SER A 272 -15.21 -16.87 -2.73
N CYS A 273 -14.69 -15.87 -2.02
CA CYS A 273 -13.33 -15.44 -2.26
C CYS A 273 -12.33 -16.57 -2.02
N VAL A 274 -12.51 -17.33 -0.95
CA VAL A 274 -11.53 -18.37 -0.64
C VAL A 274 -11.50 -19.45 -1.72
N ASP A 275 -12.69 -19.88 -2.15
N ASP A 275 -12.70 -19.89 -2.14
CA ASP A 275 -12.77 -20.89 -3.19
CA ASP A 275 -12.82 -20.84 -3.26
C ASP A 275 -12.17 -20.37 -4.51
C ASP A 275 -12.08 -20.34 -4.47
N TYR A 276 -12.38 -19.10 -4.83
CA TYR A 276 -11.83 -18.48 -6.03
C TYR A 276 -10.31 -18.48 -5.99
N VAL A 277 -9.78 -18.03 -4.85
CA VAL A 277 -8.33 -18.00 -4.67
C VAL A 277 -7.71 -19.40 -4.69
N ASN A 278 -8.39 -20.40 -4.11
CA ASN A 278 -7.86 -21.76 -4.13
C ASN A 278 -7.77 -22.31 -5.55
N ASN A 279 -8.80 -22.06 -6.34
CA ASN A 279 -9.04 -22.88 -7.53
C ASN A 279 -8.69 -22.24 -8.87
N ASN A 280 -8.24 -20.98 -8.83
CA ASN A 280 -7.96 -20.27 -10.08
C ASN A 280 -6.54 -19.68 -10.13
N PRO A 281 -5.51 -20.52 -10.05
CA PRO A 281 -4.14 -19.98 -10.03
C PRO A 281 -3.85 -19.06 -11.21
N SER A 282 -4.31 -19.42 -12.40
N SER A 282 -4.30 -19.40 -12.42
CA SER A 282 -4.01 -18.63 -13.58
CA SER A 282 -3.96 -18.58 -13.58
C SER A 282 -4.57 -17.21 -13.50
C SER A 282 -4.64 -17.21 -13.59
N ALA A 283 -5.67 -17.05 -12.76
CA ALA A 283 -6.30 -15.75 -12.57
C ALA A 283 -5.42 -14.78 -11.76
N PHE A 284 -4.31 -15.28 -11.23
CA PHE A 284 -3.38 -14.47 -10.44
C PHE A 284 -2.07 -14.19 -11.16
N ALA A 285 -2.01 -14.48 -12.46
CA ALA A 285 -0.81 -14.16 -13.24
C ALA A 285 -0.52 -12.64 -13.22
N ASN A 286 -1.57 -11.83 -13.11
CA ASN A 286 -1.41 -10.38 -13.08
C ASN A 286 -1.46 -9.80 -11.68
N ALA A 287 -1.36 -10.68 -10.67
CA ALA A 287 -1.33 -10.26 -9.28
C ALA A 287 0.12 -10.02 -8.85
N TYR A 288 0.73 -8.99 -9.43
CA TYR A 288 2.10 -8.65 -9.12
C TYR A 288 2.30 -7.15 -9.00
N TRP A 289 3.22 -6.78 -8.11
CA TRP A 289 3.83 -5.47 -8.10
C TRP A 289 5.02 -5.51 -9.05
N ASP A 290 5.21 -4.44 -9.83
CA ASP A 290 6.45 -4.19 -10.57
C ASP A 290 6.85 -2.79 -10.16
N ILE A 291 7.92 -2.70 -9.39
CA ILE A 291 8.37 -1.44 -8.79
C ILE A 291 9.71 -1.06 -9.38
N ALA A 292 9.79 0.15 -9.92
CA ALA A 292 11.03 0.68 -10.50
C ALA A 292 11.98 1.20 -9.43
N SER A 293 11.44 1.84 -8.39
CA SER A 293 12.26 2.34 -7.29
C SER A 293 11.37 2.73 -6.12
N VAL A 294 11.97 2.70 -4.94
CA VAL A 294 11.40 3.35 -3.76
C VAL A 294 12.53 4.19 -3.17
N ARG A 295 12.29 5.48 -2.98
CA ARG A 295 13.30 6.38 -2.44
C ARG A 295 12.74 7.06 -1.22
N VAL A 296 13.59 7.19 -0.22
CA VAL A 296 13.20 7.87 1.01
C VAL A 296 14.14 9.04 1.22
N TYR A 297 13.56 10.16 1.67
CA TYR A 297 14.28 11.40 1.92
C TYR A 297 14.00 11.83 3.35
N GLN A 298 14.99 12.48 3.96
CA GLN A 298 14.86 13.04 5.31
C GLN A 298 15.60 14.36 5.37
C2 BGC B . -5.32 -2.30 7.84
C3 BGC B . -4.04 -3.12 8.08
C4 BGC B . -3.62 -3.77 6.77
C5 BGC B . -3.18 -2.63 5.86
C6 BGC B . -2.64 -3.16 4.54
C1 BGC B . -5.35 -1.53 6.52
O1 BGC B . -6.59 -1.81 5.83
O2 BGC B . -5.51 -1.39 8.93
O3 BGC B . -4.25 -4.11 9.11
O4 BGC B . -2.55 -4.69 6.96
O5 BGC B . -4.27 -1.74 5.58
O6 BGC B . -3.72 -3.46 3.65
C2 BGC B . -4.47 -5.19 11.24
C3 BGC B . -3.94 -5.12 12.66
C4 BGC B . -2.42 -5.19 12.73
C5 BGC B . -1.79 -4.16 11.77
C6 BGC B . -0.28 -4.29 11.67
C1 BGC B . -3.78 -4.15 10.37
O2 BGC B . -5.88 -4.95 11.24
O3 BGC B . -4.50 -6.18 13.44
O4 BGC B . -2.00 -4.93 14.07
O5 BGC B . -2.35 -4.34 10.46
O6 BGC B . 0.10 -5.48 10.96
C1 NAG C . 10.99 -15.07 -12.61
C2 NAG C . 11.23 -15.77 -13.96
C3 NAG C . 11.53 -14.77 -15.08
C4 NAG C . 10.59 -13.57 -15.05
C5 NAG C . 10.56 -12.97 -13.65
C6 NAG C . 9.68 -11.73 -13.58
C7 NAG C . 12.39 -17.96 -14.20
C8 NAG C . 13.73 -18.63 -14.06
N2 NAG C . 12.37 -16.68 -13.84
O3 NAG C . 11.45 -15.38 -16.35
O4 NAG C . 11.04 -12.60 -15.99
O5 NAG C . 10.10 -13.98 -12.76
O6 NAG C . 8.33 -12.03 -13.85
O7 NAG C . 11.43 -18.59 -14.63
C1 LGC D . -5.12 -1.45 7.01
C2 LGC D . -5.07 -2.33 8.23
O5 LGC D . -4.15 -1.55 5.93
O1 LGC D . -6.02 -0.63 6.90
O2 LGC D . -5.09 -1.52 9.42
C3 LGC D . -3.86 -3.25 8.19
O3 LGC D . -4.06 -4.37 9.08
C4 LGC D . -3.63 -3.74 6.76
O4 LGC D . -2.68 -4.81 6.73
C5 LGC D . -3.13 -2.55 5.96
C6 LGC D . -2.72 -2.85 4.52
O6 LGC D . -3.77 -3.48 3.78
#